data_2ZKO
#
_entry.id   2ZKO
#
_cell.length_a   60.707
_cell.length_b   57.218
_cell.length_c   83.709
_cell.angle_alpha   90.00
_cell.angle_beta   105.95
_cell.angle_gamma   90.00
#
_symmetry.space_group_name_H-M   'C 1 2 1'
#
loop_
_entity.id
_entity.type
_entity.pdbx_description
1 polymer "RNA (5'-R(P*AP*GP*AP*CP*AP*GP*CP*AP*UP*UP*AP*UP*GP*CP*UP*GP*UP*CP*UP*UP*U)-3')"
2 polymer 'Non-structural protein 1'
3 non-polymer GLYCEROL
4 water water
#
loop_
_entity_poly.entity_id
_entity_poly.type
_entity_poly.pdbx_seq_one_letter_code
_entity_poly.pdbx_strand_id
1 'polyribonucleotide' AGACAGCAUUAUGCUGUCUUU C,D
2 'polypeptide(L)' GSHMDPNTVSSFQVDCFLWHVRKRVADQELGDAPFLDRLRRDQKSLRGRGSTLGLDIETATRAGKQIVERILK A,B
#
loop_
_chem_comp.id
_chem_comp.type
_chem_comp.name
_chem_comp.formula
A RNA linking ADENOSINE-5'-MONOPHOSPHATE 'C10 H14 N5 O7 P'
C RNA linking CYTIDINE-5'-MONOPHOSPHATE 'C9 H14 N3 O8 P'
G RNA linking GUANOSINE-5'-MONOPHOSPHATE 'C10 H14 N5 O8 P'
GOL non-polymer GLYCEROL 'C3 H8 O3'
U RNA linking URIDINE-5'-MONOPHOSPHATE 'C9 H13 N2 O9 P'
#
# COMPACT_ATOMS: atom_id res chain seq x y z
N MET C 4 -5.99 -13.82 18.99
CA MET C 4 -5.12 -13.29 17.90
C MET C 4 -4.22 -12.15 18.39
N ASP C 5 -2.98 -12.14 17.90
CA ASP C 5 -2.04 -11.06 18.19
C ASP C 5 -2.55 -9.76 17.55
N PRO C 6 -2.83 -8.73 18.36
CA PRO C 6 -3.44 -7.50 17.81
C PRO C 6 -2.76 -6.94 16.54
N ASN C 7 -1.45 -6.75 16.58
CA ASN C 7 -0.76 -6.14 15.44
C ASN C 7 -0.68 -7.05 14.22
N THR C 8 -0.68 -8.35 14.42
CA THR C 8 -0.81 -9.28 13.29
C THR C 8 -2.13 -9.06 12.56
N VAL C 9 -3.22 -8.94 13.31
CA VAL C 9 -4.51 -8.70 12.68
C VAL C 9 -4.58 -7.32 12.02
N SER C 10 -4.19 -6.26 12.72
CA SER C 10 -4.26 -4.91 12.13
C SER C 10 -3.39 -4.78 10.89
N SER C 11 -2.20 -5.39 10.92
CA SER C 11 -1.32 -5.32 9.74
C SER C 11 -1.96 -6.06 8.55
N PHE C 12 -2.60 -7.18 8.83
CA PHE C 12 -3.28 -7.92 7.76
C PHE C 12 -4.40 -7.06 7.17
N GLN C 13 -5.17 -6.43 8.04
CA GLN C 13 -6.29 -5.58 7.62
C GLN C 13 -5.84 -4.41 6.76
N VAL C 14 -4.84 -3.68 7.24
CA VAL C 14 -4.25 -2.58 6.49
C VAL C 14 -3.73 -3.10 5.13
N ASP C 15 -2.96 -4.18 5.18
CA ASP C 15 -2.40 -4.72 3.93
C ASP C 15 -3.51 -5.11 2.93
N CYS C 16 -4.59 -5.70 3.42
CA CYS C 16 -5.72 -6.04 2.56
C CYS C 16 -6.34 -4.79 1.91
N PHE C 17 -6.56 -3.76 2.71
CA PHE C 17 -7.15 -2.52 2.20
C PHE C 17 -6.23 -1.88 1.16
N LEU C 18 -4.96 -1.80 1.48
CA LEU C 18 -4.00 -1.19 0.55
C LEU C 18 -3.88 -2.00 -0.75
N TRP C 19 -4.01 -3.33 -0.69
CA TRP C 19 -4.07 -4.16 -1.91
C TRP C 19 -5.29 -3.79 -2.77
N HIS C 20 -6.44 -3.66 -2.13
CA HIS C 20 -7.67 -3.20 -2.80
C HIS C 20 -7.47 -1.85 -3.49
N VAL C 21 -6.84 -0.91 -2.79
CA VAL C 21 -6.55 0.39 -3.39
C VAL C 21 -5.67 0.20 -4.63
N ARG C 22 -4.66 -0.64 -4.52
CA ARG C 22 -3.74 -0.88 -5.64
C ARG C 22 -4.47 -1.56 -6.80
N LYS C 23 -5.39 -2.47 -6.48
CA LYS C 23 -6.20 -3.12 -7.53
C LYS C 23 -7.03 -2.09 -8.29
N ARG C 24 -7.60 -1.12 -7.57
CA ARG C 24 -8.43 -0.11 -8.21
C ARG C 24 -7.57 0.80 -9.10
N VAL C 25 -6.37 1.10 -8.64
CA VAL C 25 -5.37 1.83 -9.43
C VAL C 25 -5.05 1.07 -10.72
N ALA C 26 -4.87 -0.25 -10.61
CA ALA C 26 -4.56 -1.09 -11.76
C ALA C 26 -5.75 -1.11 -12.71
N ASP C 27 -6.96 -1.21 -12.15
CA ASP C 27 -8.20 -1.23 -12.95
C ASP C 27 -8.39 0.03 -13.80
N GLN C 28 -7.88 1.15 -13.30
CA GLN C 28 -7.96 2.45 -13.98
C GLN C 28 -6.81 2.66 -14.96
N GLU C 29 -6.05 1.61 -15.23
CA GLU C 29 -4.92 1.63 -16.19
C GLU C 29 -3.83 2.64 -15.80
N LEU C 30 -3.56 2.72 -14.49
CA LEU C 30 -2.53 3.62 -13.98
C LEU C 30 -1.26 2.87 -13.55
N GLY C 31 -1.33 1.54 -13.55
CA GLY C 31 -0.19 0.72 -13.10
C GLY C 31 0.82 0.43 -14.19
N ASP C 32 2.11 0.55 -13.86
CA ASP C 32 3.14 0.05 -14.77
C ASP C 32 3.31 -1.46 -14.60
N ALA C 33 4.12 -2.08 -15.44
CA ALA C 33 4.22 -3.55 -15.40
C ALA C 33 4.75 -4.06 -14.04
N PRO C 34 5.80 -3.42 -13.47
CA PRO C 34 6.21 -3.84 -12.13
C PRO C 34 5.15 -3.68 -11.03
N PHE C 35 4.37 -2.60 -11.11
CA PHE C 35 3.28 -2.38 -10.16
C PHE C 35 2.31 -3.56 -10.24
N LEU C 36 2.00 -3.98 -11.47
CA LEU C 36 1.11 -5.12 -11.66
C LEU C 36 1.73 -6.44 -11.18
N ASP C 37 3.04 -6.61 -11.38
CA ASP C 37 3.75 -7.78 -10.84
C ASP C 37 3.65 -7.88 -9.32
N ARG C 38 3.80 -6.74 -8.64
CA ARG C 38 3.69 -6.70 -7.19
C ARG C 38 2.27 -6.97 -6.74
N LEU C 39 1.30 -6.48 -7.49
CA LEU C 39 -0.10 -6.76 -7.18
C LEU C 39 -0.39 -8.27 -7.21
N ARG C 40 0.12 -8.96 -8.22
CA ARG C 40 -0.03 -10.40 -8.29
C ARG C 40 0.67 -11.11 -7.13
N ARG C 41 1.93 -10.75 -6.86
CA ARG C 41 2.67 -11.41 -5.76
C ARG C 41 1.92 -11.22 -4.44
N ASP C 42 1.42 -10.01 -4.24
CA ASP C 42 0.84 -9.65 -2.94
C ASP C 42 -0.53 -10.27 -2.74
N GLN C 43 -1.24 -10.51 -3.84
CA GLN C 43 -2.50 -11.24 -3.78
C GLN C 43 -2.27 -12.67 -3.27
N LYS C 44 -1.22 -13.32 -3.77
CA LYS C 44 -0.89 -14.67 -3.29
C LYS C 44 -0.47 -14.65 -1.82
N SER C 45 0.30 -13.63 -1.46
CA SER C 45 0.77 -13.47 -0.07
C SER C 45 -0.40 -13.30 0.88
N LEU C 46 -1.33 -12.43 0.52
CA LEU C 46 -2.48 -12.17 1.39
C LEU C 46 -3.39 -13.37 1.50
N ARG C 47 -3.47 -14.14 0.42
CA ARG C 47 -4.25 -15.37 0.44
C ARG C 47 -3.68 -16.36 1.46
N GLY C 48 -2.36 -16.51 1.48
CA GLY C 48 -1.70 -17.41 2.41
C GLY C 48 -1.85 -16.90 3.83
N ARG C 49 -1.68 -15.59 4.02
CA ARG C 49 -1.81 -14.97 5.35
C ARG C 49 -3.24 -15.12 5.86
N GLY C 50 -4.20 -14.82 4.99
CA GLY C 50 -5.63 -14.97 5.33
C GLY C 50 -5.94 -16.38 5.80
N SER C 51 -5.48 -17.35 5.02
CA SER C 51 -5.73 -18.75 5.36
C SER C 51 -5.11 -19.14 6.69
N THR C 52 -3.87 -18.70 6.92
CA THR C 52 -3.18 -18.99 8.16
C THR C 52 -3.94 -18.44 9.37
N LEU C 53 -4.47 -17.23 9.23
CA LEU C 53 -5.23 -16.55 10.28
C LEU C 53 -6.70 -16.97 10.37
N GLY C 54 -7.22 -17.65 9.34
CA GLY C 54 -8.65 -18.04 9.32
C GLY C 54 -9.55 -16.82 9.11
N LEU C 55 -9.02 -15.83 8.39
CA LEU C 55 -9.73 -14.58 8.13
C LEU C 55 -10.03 -14.43 6.64
N ASP C 56 -10.99 -13.54 6.33
CA ASP C 56 -11.45 -13.30 4.97
C ASP C 56 -10.88 -11.98 4.50
N ILE C 57 -10.26 -11.98 3.33
CA ILE C 57 -9.65 -10.77 2.77
C ILE C 57 -10.67 -9.63 2.55
N GLU C 58 -11.87 -9.97 2.08
CA GLU C 58 -12.88 -8.95 1.83
C GLU C 58 -13.35 -8.27 3.13
N THR C 59 -13.55 -9.06 4.18
CA THR C 59 -13.87 -8.53 5.50
C THR C 59 -12.74 -7.69 6.07
N ALA C 60 -11.52 -8.21 5.99
CA ALA C 60 -10.33 -7.51 6.50
C ALA C 60 -10.11 -6.19 5.78
N THR C 61 -10.45 -6.13 4.50
CA THR C 61 -10.38 -4.90 3.71
C THR C 61 -11.20 -3.76 4.32
N ARG C 62 -12.43 -4.06 4.76
CA ARG C 62 -13.29 -3.06 5.38
C ARG C 62 -12.65 -2.56 6.68
N ALA C 63 -12.07 -3.48 7.45
CA ALA C 63 -11.41 -3.12 8.70
C ALA C 63 -10.19 -2.23 8.43
N GLY C 64 -9.41 -2.57 7.40
CA GLY C 64 -8.22 -1.77 7.03
C GLY C 64 -8.60 -0.37 6.58
N LYS C 65 -9.73 -0.27 5.88
CA LYS C 65 -10.26 1.03 5.46
C LYS C 65 -10.55 1.88 6.70
N GLN C 66 -11.23 1.29 7.70
CA GLN C 66 -11.49 2.03 8.94
C GLN C 66 -10.22 2.52 9.62
N ILE C 67 -9.23 1.62 9.70
CA ILE C 67 -7.95 1.96 10.34
C ILE C 67 -7.28 3.12 9.60
N VAL C 68 -7.18 3.01 8.28
CA VAL C 68 -6.55 4.06 7.47
C VAL C 68 -7.30 5.40 7.61
N GLU C 69 -8.63 5.35 7.55
CA GLU C 69 -9.43 6.56 7.74
C GLU C 69 -9.17 7.24 9.09
N ARG C 70 -8.98 6.44 10.13
CA ARG C 70 -8.69 6.99 11.45
C ARG C 70 -7.37 7.74 11.47
N ILE C 71 -6.31 7.11 10.96
CA ILE C 71 -4.96 7.66 11.08
C ILE C 71 -4.69 8.81 10.11
N LEU C 72 -5.55 8.96 9.10
CA LEU C 72 -5.40 10.04 8.12
C LEU C 72 -6.20 11.30 8.48
N LYS C 73 -7.11 11.20 9.44
CA LYS C 73 -7.92 12.35 9.83
C LYS C 73 -7.09 13.36 10.63
N MET D 4 8.55 11.57 -19.45
CA MET D 4 8.11 10.55 -18.43
C MET D 4 7.05 9.61 -18.99
N ASP D 5 7.27 8.29 -18.85
CA ASP D 5 6.21 7.32 -19.10
C ASP D 5 5.08 7.51 -18.08
N PRO D 6 3.86 7.82 -18.56
CA PRO D 6 2.75 8.11 -17.66
C PRO D 6 2.56 7.11 -16.52
N ASN D 7 2.46 5.81 -16.84
CA ASN D 7 2.18 4.81 -15.80
C ASN D 7 3.36 4.60 -14.84
N THR D 8 4.57 4.85 -15.31
CA THR D 8 5.73 4.80 -14.42
C THR D 8 5.59 5.88 -13.34
N VAL D 9 5.20 7.08 -13.77
CA VAL D 9 5.06 8.18 -12.81
C VAL D 9 3.86 7.96 -11.87
N SER D 10 2.70 7.59 -12.41
CA SER D 10 1.53 7.38 -11.53
C SER D 10 1.76 6.25 -10.54
N SER D 11 2.39 5.16 -10.99
CA SER D 11 2.72 4.04 -10.08
C SER D 11 3.67 4.47 -8.97
N PHE D 12 4.68 5.26 -9.32
CA PHE D 12 5.58 5.82 -8.31
C PHE D 12 4.83 6.67 -7.28
N GLN D 13 3.98 7.56 -7.78
CA GLN D 13 3.19 8.44 -6.92
C GLN D 13 2.27 7.65 -5.98
N VAL D 14 1.54 6.69 -6.52
CA VAL D 14 0.69 5.86 -5.68
C VAL D 14 1.51 5.10 -4.64
N ASP D 15 2.59 4.47 -5.08
CA ASP D 15 3.47 3.75 -4.16
C ASP D 15 4.02 4.65 -3.03
N CYS D 16 4.39 5.88 -3.36
CA CYS D 16 4.89 6.83 -2.36
C CYS D 16 3.82 7.14 -1.32
N PHE D 17 2.61 7.45 -1.78
CA PHE D 17 1.48 7.73 -0.89
C PHE D 17 1.15 6.53 0.01
N LEU D 18 1.08 5.35 -0.60
CA LEU D 18 0.77 4.17 0.20
C LEU D 18 1.87 3.85 1.21
N TRP D 19 3.13 4.13 0.86
CA TRP D 19 4.22 4.03 1.86
C TRP D 19 4.02 4.99 3.05
N HIS D 20 3.66 6.22 2.77
CA HIS D 20 3.32 7.21 3.81
C HIS D 20 2.19 6.71 4.70
N VAL D 21 1.15 6.13 4.10
CA VAL D 21 0.04 5.56 4.88
C VAL D 21 0.56 4.45 5.78
N ARG D 22 1.38 3.56 5.23
CA ARG D 22 1.95 2.47 6.04
C ARG D 22 2.85 3.01 7.15
N LYS D 23 3.60 4.08 6.88
CA LYS D 23 4.45 4.69 7.91
C LYS D 23 3.58 5.22 9.07
N ARG D 24 2.44 5.83 8.73
CA ARG D 24 1.55 6.38 9.77
C ARG D 24 0.94 5.25 10.59
N VAL D 25 0.60 4.14 9.93
CA VAL D 25 0.14 2.93 10.62
C VAL D 25 1.22 2.44 11.60
N ALA D 26 2.47 2.39 11.14
CA ALA D 26 3.61 2.00 12.00
C ALA D 26 3.77 2.93 13.19
N ASP D 27 3.64 4.23 12.94
CA ASP D 27 3.77 5.24 14.01
C ASP D 27 2.71 5.07 15.10
N GLN D 28 1.54 4.58 14.70
CA GLN D 28 0.43 4.33 15.64
C GLN D 28 0.54 2.97 16.36
N GLU D 29 1.69 2.31 16.19
CA GLU D 29 1.99 1.03 16.84
C GLU D 29 1.00 -0.07 16.42
N LEU D 30 0.66 -0.09 15.14
CA LEU D 30 -0.29 -1.09 14.62
C LEU D 30 0.41 -2.13 13.73
N GLY D 31 1.68 -1.90 13.42
CA GLY D 31 2.43 -2.82 12.57
C GLY D 31 3.06 -3.99 13.32
N ASP D 32 2.96 -5.18 12.74
CA ASP D 32 3.75 -6.30 13.23
C ASP D 32 5.17 -6.27 12.65
N ALA D 33 6.04 -7.15 13.13
CA ALA D 33 7.43 -7.08 12.71
C ALA D 33 7.62 -7.22 11.19
N PRO D 34 6.94 -8.20 10.54
CA PRO D 34 7.05 -8.27 9.08
C PRO D 34 6.56 -6.99 8.36
N PHE D 35 5.53 -6.35 8.90
CA PHE D 35 5.00 -5.12 8.30
C PHE D 35 6.08 -4.05 8.33
N LEU D 36 6.76 -3.98 9.46
CA LEU D 36 7.87 -3.03 9.62
C LEU D 36 9.08 -3.37 8.72
N ASP D 37 9.36 -4.66 8.56
CA ASP D 37 10.39 -5.11 7.61
C ASP D 37 10.12 -4.66 6.18
N ARG D 38 8.87 -4.78 5.76
CA ARG D 38 8.50 -4.34 4.41
C ARG D 38 8.54 -2.83 4.28
N LEU D 39 8.16 -2.14 5.34
CA LEU D 39 8.27 -0.68 5.33
C LEU D 39 9.70 -0.22 5.09
N ARG D 40 10.67 -0.84 5.77
CA ARG D 40 12.08 -0.54 5.58
C ARG D 40 12.56 -0.87 4.15
N ARG D 41 12.19 -2.04 3.65
CA ARG D 41 12.61 -2.45 2.30
C ARG D 41 12.06 -1.50 1.24
N ASP D 42 10.78 -1.15 1.40
CA ASP D 42 10.09 -0.31 0.42
C ASP D 42 10.57 1.14 0.48
N GLN D 43 11.01 1.60 1.64
CA GLN D 43 11.63 2.91 1.73
C GLN D 43 12.86 2.96 0.82
N LYS D 44 13.71 1.94 0.94
CA LYS D 44 14.92 1.84 0.12
C LYS D 44 14.58 1.78 -1.36
N SER D 45 13.55 1.00 -1.68
CA SER D 45 13.13 0.82 -3.06
C SER D 45 12.65 2.16 -3.64
N LEU D 46 11.82 2.86 -2.87
CA LEU D 46 11.28 4.16 -3.35
C LEU D 46 12.38 5.21 -3.52
N ARG D 47 13.36 5.20 -2.63
CA ARG D 47 14.49 6.10 -2.78
C ARG D 47 15.26 5.84 -4.09
N GLY D 48 15.46 4.57 -4.42
CA GLY D 48 16.12 4.20 -5.67
C GLY D 48 15.30 4.62 -6.89
N ARG D 49 14.01 4.30 -6.86
CA ARG D 49 13.09 4.66 -7.94
C ARG D 49 12.99 6.17 -8.11
N GLY D 50 12.90 6.89 -6.99
CA GLY D 50 12.84 8.36 -7.02
C GLY D 50 14.09 8.96 -7.62
N SER D 51 15.25 8.44 -7.23
CA SER D 51 16.50 8.90 -7.78
C SER D 51 16.60 8.65 -9.29
N THR D 52 16.20 7.46 -9.71
CA THR D 52 16.21 7.11 -11.13
C THR D 52 15.33 8.06 -11.96
N LEU D 53 14.20 8.45 -11.38
CA LEU D 53 13.21 9.29 -12.08
C LEU D 53 13.49 10.79 -11.93
N GLY D 54 14.35 11.15 -10.98
CA GLY D 54 14.65 12.56 -10.69
C GLY D 54 13.47 13.24 -10.00
N LEU D 55 12.72 12.45 -9.24
CA LEU D 55 11.53 12.94 -8.53
C LEU D 55 11.76 12.93 -7.04
N ASP D 56 10.90 13.65 -6.33
CA ASP D 56 10.97 13.77 -4.88
C ASP D 56 9.82 12.98 -4.28
N ILE D 57 10.14 12.11 -3.32
CA ILE D 57 9.14 11.23 -2.67
C ILE D 57 8.01 12.03 -1.97
N GLU D 58 8.38 13.12 -1.31
CA GLU D 58 7.40 13.95 -0.60
C GLU D 58 6.38 14.58 -1.53
N THR D 59 6.85 15.10 -2.65
CA THR D 59 5.96 15.68 -3.65
C THR D 59 5.14 14.62 -4.35
N ALA D 60 5.77 13.48 -4.65
CA ALA D 60 5.07 12.35 -5.27
C ALA D 60 3.98 11.80 -4.36
N THR D 61 4.20 11.83 -3.05
CA THR D 61 3.20 11.43 -2.05
C THR D 61 1.89 12.21 -2.22
N ARG D 62 1.99 13.53 -2.39
CA ARG D 62 0.82 14.36 -2.58
C ARG D 62 0.05 14.00 -3.85
N ALA D 63 0.78 13.69 -4.92
CA ALA D 63 0.16 13.30 -6.18
C ALA D 63 -0.55 11.97 -6.01
N GLY D 64 0.11 11.04 -5.32
CA GLY D 64 -0.50 9.74 -5.06
C GLY D 64 -1.78 9.85 -4.24
N LYS D 65 -1.79 10.79 -3.30
CA LYS D 65 -2.98 11.05 -2.49
C LYS D 65 -4.14 11.46 -3.40
N GLN D 66 -3.87 12.38 -4.33
CA GLN D 66 -4.89 12.86 -5.27
C GLN D 66 -5.43 11.71 -6.12
N ILE D 67 -4.51 10.88 -6.62
CA ILE D 67 -4.88 9.73 -7.44
C ILE D 67 -5.78 8.78 -6.68
N VAL D 68 -5.36 8.42 -5.47
CA VAL D 68 -6.15 7.49 -4.66
C VAL D 68 -7.53 8.07 -4.28
N GLU D 69 -7.57 9.35 -3.92
CA GLU D 69 -8.84 9.99 -3.60
C GLU D 69 -9.80 9.95 -4.79
N ARG D 70 -9.26 10.15 -5.98
CA ARG D 70 -10.07 10.10 -7.20
C ARG D 70 -10.64 8.68 -7.42
N ILE D 71 -9.78 7.69 -7.20
CA ILE D 71 -10.11 6.27 -7.36
C ILE D 71 -11.16 5.77 -6.38
N LEU D 72 -11.12 6.27 -5.15
CA LEU D 72 -12.01 5.81 -4.11
C LEU D 72 -13.36 6.55 -4.06
N LYS D 73 -13.51 7.60 -4.88
CA LYS D 73 -14.77 8.35 -4.93
C LYS D 73 -15.87 7.50 -5.57
C1 GOL E . 1.12 -9.18 0.99
O1 GOL E . 1.30 -9.78 2.23
C2 GOL E . 2.01 -7.97 0.95
O2 GOL E . 3.10 -8.16 1.82
C3 GOL E . 1.07 -6.86 1.37
O3 GOL E . 0.74 -6.19 0.19
C1 GOL F . 8.84 0.16 -3.21
O1 GOL F . 9.03 0.37 -4.59
C2 GOL F . 7.63 -0.69 -2.99
O2 GOL F . 7.49 -1.75 -3.91
C3 GOL F . 6.46 0.26 -3.01
O3 GOL F . 5.94 0.13 -1.72
#